data_6W0D
#
_entry.id   6W0D
#
_cell.length_a   156.912
_cell.length_b   156.912
_cell.length_c   73.671
_cell.angle_alpha   90.000
_cell.angle_beta   90.000
_cell.angle_gamma   90.000
#
_symmetry.space_group_name_H-M   'I 4'
#
loop_
_entity.id
_entity.type
_entity.pdbx_description
1 polymer 'Fab Heavy Chain'
2 polymer 'Fab Light Chain'
3 polymer 'pH-gated potassium channel KcsA'
4 non-polymer 'BARIUM ION'
5 non-polymer 'POTASSIUM ION'
6 water water
#
loop_
_entity_poly.entity_id
_entity_poly.type
_entity_poly.pdbx_seq_one_letter_code
_entity_poly.pdbx_strand_id
1 'polypeptide(L)'
;QVQLQQPGAELVKPGASVKLSCKASGYTFTSDWIHWVKQRPGHGLEWIGEIIPSYGRANYNEKIQKKATLTADKSSSTAF
MQLSSLTSEDSAVYYCARERGDGYFAVWGAGTTVTVSSAKTTPPSVYPLAPGSAAQTNSMVTLGCLVKGYFPEPVTVTWN
SGSLSSGVHTFPAVLQSDLYTLSSSVTVPSSSWPSETVTCNVAHPASSTKVDKKIVPRD
;
A
2 'polypeptide(L)'
;DILLTQSPAILSVSPGERVSFSCRASQSIGTDIHWYQQRTNGSPRLLIKYASESISGIPSRFSGSGSGTDFTLSINSVES
EDIANYYCQQSNRWPFTFGSGTKLEIKRADAAPTVSIFPPSSEQLTSGGASVVCFLNNFYPKDINVKWKIDGSERQNGVL
NSWTDQDSKDSTYSMSSTLTLTKDEYERHNSYTCEATHKTSTSPIVKSFNRN
;
B
3 'polypeptide(L)'
;AAGAATVLLVIVLLAGSYLAVLAERGAPGAQLITYPRALWWSVETATTVGYGDLYPVTLWGRLVAVVVMVAGITSFGLVT
AALATWFVGREQE
;
C
#
loop_
_chem_comp.id
_chem_comp.type
_chem_comp.name
_chem_comp.formula
BA non-polymer 'BARIUM ION' 'Ba 2'
K non-polymer 'POTASSIUM ION' 'K 1'
#
# COMPACT_ATOMS: atom_id res chain seq x y z
C GLN A 1 15.58 0.90 0.33
N VAL A 2 15.49 -0.07 -0.57
CA VAL A 2 14.33 -0.96 -0.63
C VAL A 2 14.62 -2.16 0.24
N GLN A 3 13.91 -2.25 1.37
CA GLN A 3 14.11 -3.31 2.34
C GLN A 3 13.45 -4.60 1.86
N LEU A 4 12.13 -4.66 1.97
CA LEU A 4 11.40 -5.82 1.45
C LEU A 4 11.14 -5.62 -0.03
N GLN A 5 11.54 -6.60 -0.83
CA GLN A 5 11.63 -6.47 -2.28
C GLN A 5 10.94 -7.68 -2.92
N GLN A 6 9.85 -7.43 -3.64
CA GLN A 6 9.03 -8.50 -4.20
C GLN A 6 8.65 -8.14 -5.63
N PRO A 7 8.43 -9.14 -6.49
CA PRO A 7 8.27 -8.88 -7.92
C PRO A 7 7.09 -7.97 -8.23
N GLY A 8 7.07 -7.48 -9.47
CA GLY A 8 6.09 -6.51 -9.89
C GLY A 8 4.70 -7.06 -10.15
N ALA A 9 4.58 -8.01 -11.07
CA ALA A 9 3.27 -8.52 -11.46
C ALA A 9 3.37 -9.98 -11.87
N GLU A 10 2.28 -10.71 -11.64
CA GLU A 10 2.16 -12.11 -12.06
C GLU A 10 0.84 -12.30 -12.82
N LEU A 11 0.82 -13.34 -13.67
CA LEU A 11 -0.39 -13.79 -14.34
C LEU A 11 -0.52 -15.29 -14.12
N VAL A 12 -1.70 -15.74 -13.74
CA VAL A 12 -1.94 -17.15 -13.45
C VAL A 12 -3.20 -17.60 -14.17
N LYS A 13 -3.09 -18.69 -14.92
CA LYS A 13 -4.28 -19.32 -15.46
C LYS A 13 -5.21 -19.72 -14.31
N PRO A 14 -6.52 -19.61 -14.48
CA PRO A 14 -7.44 -20.06 -13.43
C PRO A 14 -7.26 -21.54 -13.14
N GLY A 15 -7.13 -21.86 -11.85
CA GLY A 15 -6.87 -23.21 -11.41
C GLY A 15 -5.41 -23.56 -11.27
N ALA A 16 -4.51 -22.75 -11.81
CA ALA A 16 -3.08 -23.02 -11.71
C ALA A 16 -2.54 -22.51 -10.38
N SER A 17 -1.31 -22.89 -10.08
CA SER A 17 -0.63 -22.46 -8.87
C SER A 17 0.42 -21.40 -9.21
N VAL A 18 0.83 -20.66 -8.18
CA VAL A 18 1.85 -19.64 -8.34
C VAL A 18 2.61 -19.50 -7.03
N LYS A 19 3.90 -19.21 -7.16
CA LYS A 19 4.78 -18.94 -6.04
C LYS A 19 5.10 -17.45 -6.02
N LEU A 20 5.26 -16.89 -4.83
CA LEU A 20 5.51 -15.46 -4.67
C LEU A 20 6.75 -15.25 -3.81
N SER A 21 7.62 -14.34 -4.25
CA SER A 21 8.91 -14.16 -3.62
C SER A 21 8.94 -12.88 -2.80
N CYS A 22 9.93 -12.79 -1.91
CA CYS A 22 10.17 -11.62 -1.08
C CYS A 22 11.60 -11.62 -0.56
N LYS A 23 12.53 -11.02 -1.31
CA LYS A 23 13.91 -10.89 -0.85
C LYS A 23 14.03 -9.66 0.03
N ALA A 24 14.79 -9.80 1.12
CA ALA A 24 14.81 -8.79 2.18
C ALA A 24 16.25 -8.45 2.54
N SER A 25 16.83 -7.50 1.81
CA SER A 25 18.09 -6.91 2.24
C SER A 25 17.87 -6.14 3.54
N GLY A 26 18.96 -5.72 4.15
CA GLY A 26 18.93 -5.22 5.50
C GLY A 26 19.33 -6.29 6.49
N TYR A 27 18.81 -6.16 7.70
CA TYR A 27 19.07 -7.16 8.72
C TYR A 27 18.26 -8.42 8.44
N THR A 28 18.63 -9.50 9.14
CA THR A 28 18.01 -10.79 8.92
C THR A 28 17.80 -11.53 10.24
N PHE A 29 17.38 -10.80 11.28
CA PHE A 29 17.37 -11.29 12.66
C PHE A 29 16.75 -12.67 12.79
N THR A 30 17.30 -13.44 13.72
CA THR A 30 16.71 -14.72 14.13
C THR A 30 15.22 -14.58 14.43
N SER A 31 14.86 -13.51 15.14
CA SER A 31 13.50 -13.35 15.66
C SER A 31 12.55 -12.69 14.68
N ASP A 32 13.02 -12.33 13.49
CA ASP A 32 12.15 -11.69 12.51
C ASP A 32 11.00 -12.59 12.11
N TRP A 33 9.84 -11.97 11.86
CA TRP A 33 8.71 -12.64 11.24
C TRP A 33 8.40 -11.97 9.92
N ILE A 34 7.92 -12.76 8.97
CA ILE A 34 7.48 -12.27 7.67
C ILE A 34 6.00 -12.57 7.53
N HIS A 35 5.21 -11.53 7.28
CA HIS A 35 3.78 -11.66 7.08
C HIS A 35 3.44 -11.41 5.63
N TRP A 36 2.22 -11.80 5.25
CA TRP A 36 1.69 -11.52 3.93
C TRP A 36 0.27 -10.98 4.06
N VAL A 37 0.03 -9.82 3.47
CA VAL A 37 -1.26 -9.15 3.52
C VAL A 37 -1.77 -8.99 2.09
N LYS A 38 -3.07 -9.25 1.91
CA LYS A 38 -3.70 -9.20 0.60
C LYS A 38 -4.64 -8.01 0.51
N GLN A 39 -4.57 -7.30 -0.61
CA GLN A 39 -5.41 -6.13 -0.88
C GLN A 39 -6.15 -6.38 -2.18
N ARG A 40 -7.38 -6.87 -2.08
CA ARG A 40 -8.25 -6.91 -3.25
C ARG A 40 -8.50 -5.48 -3.71
N PRO A 41 -8.70 -5.28 -5.02
CA PRO A 41 -8.88 -3.91 -5.53
C PRO A 41 -10.05 -3.22 -4.86
N GLY A 42 -9.81 -1.97 -4.45
CA GLY A 42 -10.84 -1.18 -3.81
C GLY A 42 -11.25 -1.66 -2.44
N HIS A 43 -10.43 -2.47 -1.78
CA HIS A 43 -10.74 -3.03 -0.48
C HIS A 43 -9.70 -2.59 0.55
N GLY A 44 -9.79 -3.19 1.73
CA GLY A 44 -8.81 -3.01 2.78
C GLY A 44 -7.78 -4.12 2.80
N LEU A 45 -7.01 -4.15 3.88
CA LEU A 45 -5.91 -5.09 4.03
C LEU A 45 -6.39 -6.37 4.68
N GLU A 46 -6.00 -7.50 4.10
CA GLU A 46 -6.42 -8.83 4.55
C GLU A 46 -5.17 -9.60 4.97
N TRP A 47 -4.96 -9.73 6.28
CA TRP A 47 -3.88 -10.54 6.79
C TRP A 47 -4.10 -12.00 6.39
N ILE A 48 -3.11 -12.59 5.72
CA ILE A 48 -3.25 -13.97 5.27
C ILE A 48 -2.51 -14.90 6.22
N GLY A 49 -1.22 -14.64 6.41
CA GLY A 49 -0.42 -15.56 7.21
C GLY A 49 0.96 -15.02 7.48
N GLU A 50 1.60 -15.61 8.48
CA GLU A 50 2.92 -15.23 8.96
C GLU A 50 3.87 -16.40 8.87
N ILE A 51 5.17 -16.11 8.74
CA ILE A 51 6.21 -17.12 8.84
C ILE A 51 7.42 -16.51 9.54
N ILE A 52 7.96 -17.26 10.50
CA ILE A 52 9.28 -16.96 11.07
C ILE A 52 10.30 -17.76 10.27
N PRO A 53 11.13 -17.11 9.45
CA PRO A 53 11.98 -17.84 8.51
C PRO A 53 13.04 -18.71 9.18
N SER A 54 13.74 -18.13 10.16
CA SER A 54 14.84 -18.84 10.80
C SER A 54 14.38 -20.17 11.37
N TYR A 55 13.41 -20.12 12.30
CA TYR A 55 12.99 -21.35 12.97
C TYR A 55 12.17 -22.24 12.03
N GLY A 56 11.29 -21.65 11.23
CA GLY A 56 10.67 -22.35 10.11
C GLY A 56 9.16 -22.53 10.15
N ARG A 57 8.49 -22.24 11.26
CA ARG A 57 7.07 -22.52 11.36
C ARG A 57 6.24 -21.39 10.75
N ALA A 58 5.06 -21.74 10.24
CA ALA A 58 4.13 -20.77 9.66
C ALA A 58 2.73 -20.98 10.23
N ASN A 59 1.94 -19.90 10.19
CA ASN A 59 0.57 -19.90 10.66
C ASN A 59 -0.29 -19.12 9.68
N TYR A 60 -1.46 -19.65 9.36
CA TYR A 60 -2.31 -19.07 8.33
C TYR A 60 -3.61 -18.56 8.92
N ASN A 61 -4.27 -17.69 8.15
CA ASN A 61 -5.54 -17.12 8.58
C ASN A 61 -6.63 -18.18 8.61
N GLU A 62 -7.06 -18.53 9.82
CA GLU A 62 -8.26 -19.29 10.12
C GLU A 62 -9.40 -19.08 9.12
N LYS A 63 -9.84 -17.83 8.99
CA LYS A 63 -11.15 -17.54 8.42
C LYS A 63 -11.19 -17.81 6.91
N ILE A 64 -10.17 -17.37 6.18
CA ILE A 64 -10.23 -17.45 4.73
C ILE A 64 -10.04 -18.89 4.27
N GLN A 65 -10.49 -19.16 3.05
CA GLN A 65 -10.18 -20.42 2.37
C GLN A 65 -8.67 -20.54 2.27
N LYS A 66 -8.11 -21.54 2.96
CA LYS A 66 -6.65 -21.65 3.14
C LYS A 66 -6.04 -22.22 1.87
N LYS A 67 -5.88 -21.33 0.88
CA LYS A 67 -5.33 -21.70 -0.42
C LYS A 67 -3.80 -21.70 -0.45
N ALA A 68 -3.14 -21.15 0.55
CA ALA A 68 -1.71 -20.83 0.45
C ALA A 68 -0.89 -21.56 1.51
N THR A 69 0.43 -21.59 1.27
CA THR A 69 1.39 -22.23 2.14
C THR A 69 2.72 -21.49 2.07
N LEU A 70 3.36 -21.29 3.23
CA LEU A 70 4.50 -20.40 3.36
C LEU A 70 5.80 -21.18 3.54
N THR A 71 6.87 -20.68 2.92
CA THR A 71 8.20 -21.27 3.03
C THR A 71 9.24 -20.15 3.04
N ALA A 72 10.51 -20.55 3.22
CA ALA A 72 11.60 -19.60 3.24
C ALA A 72 12.90 -20.29 2.86
N ASP A 73 13.91 -19.49 2.51
CA ASP A 73 15.25 -19.97 2.19
C ASP A 73 16.22 -19.29 3.16
N LYS A 74 16.61 -20.00 4.21
CA LYS A 74 17.29 -19.39 5.35
C LYS A 74 18.57 -18.65 4.94
N SER A 75 19.39 -19.28 4.10
CA SER A 75 20.66 -18.72 3.62
C SER A 75 20.52 -18.13 2.22
N SER A 76 19.39 -17.46 1.96
CA SER A 76 19.26 -16.57 0.82
C SER A 76 18.45 -15.32 1.17
N SER A 77 17.92 -15.24 2.39
CA SER A 77 17.16 -14.08 2.87
C SER A 77 15.96 -13.80 1.95
N THR A 78 15.32 -14.85 1.46
CA THR A 78 14.15 -14.74 0.60
C THR A 78 13.08 -15.70 1.11
N ALA A 79 11.83 -15.24 1.13
CA ALA A 79 10.71 -16.02 1.63
C ALA A 79 9.65 -16.16 0.55
N PHE A 80 8.82 -17.20 0.69
CA PHE A 80 7.93 -17.60 -0.39
C PHE A 80 6.52 -17.89 0.13
N MET A 81 5.55 -17.69 -0.76
CA MET A 81 4.15 -17.98 -0.50
C MET A 81 3.56 -18.66 -1.72
N GLN A 82 2.99 -19.86 -1.53
CA GLN A 82 2.49 -20.66 -2.64
C GLN A 82 0.96 -20.61 -2.63
N LEU A 83 0.38 -19.96 -3.64
CA LEU A 83 -1.06 -19.92 -3.83
C LEU A 83 -1.45 -20.99 -4.85
N SER A 84 -2.29 -21.94 -4.42
CA SER A 84 -2.58 -23.15 -5.19
C SER A 84 -4.01 -23.13 -5.69
N SER A 85 -4.18 -23.34 -7.00
CA SER A 85 -5.47 -23.38 -7.67
C SER A 85 -6.41 -22.19 -7.52
N LEU A 86 -6.12 -21.11 -8.23
CA LEU A 86 -6.80 -19.84 -8.05
C LEU A 86 -8.04 -19.62 -8.90
N THR A 87 -8.92 -18.76 -8.40
CA THR A 87 -10.02 -18.19 -9.17
C THR A 87 -9.72 -16.72 -9.41
N SER A 88 -10.69 -16.00 -9.96
CA SER A 88 -10.58 -14.55 -10.06
C SER A 88 -11.02 -13.86 -8.78
N GLU A 89 -11.52 -14.59 -7.78
CA GLU A 89 -11.68 -14.01 -6.46
C GLU A 89 -10.32 -13.75 -5.83
N ASP A 90 -9.29 -14.44 -6.32
CA ASP A 90 -7.95 -14.38 -5.73
C ASP A 90 -7.04 -13.38 -6.42
N SER A 91 -7.57 -12.55 -7.32
CA SER A 91 -6.77 -11.52 -7.97
C SER A 91 -6.68 -10.30 -7.05
N ALA A 92 -5.45 -9.95 -6.66
CA ALA A 92 -5.25 -8.87 -5.70
C ALA A 92 -3.78 -8.50 -5.63
N VAL A 93 -3.50 -7.41 -4.92
CA VAL A 93 -2.14 -7.05 -4.54
C VAL A 93 -1.76 -7.86 -3.32
N TYR A 94 -0.49 -8.28 -3.26
CA TYR A 94 0.00 -9.14 -2.19
C TYR A 94 1.30 -8.55 -1.65
N TYR A 95 1.25 -7.99 -0.45
CA TYR A 95 2.43 -7.44 0.19
C TYR A 95 3.07 -8.47 1.11
N CYS A 96 4.37 -8.32 1.33
CA CYS A 96 5.03 -8.94 2.47
C CYS A 96 5.49 -7.86 3.41
N ALA A 97 5.46 -8.16 4.71
CA ALA A 97 5.79 -7.19 5.74
C ALA A 97 6.83 -7.78 6.68
N ARG A 98 7.51 -6.89 7.40
CA ARG A 98 8.59 -7.30 8.31
C ARG A 98 8.17 -6.89 9.72
N GLU A 99 7.53 -7.82 10.42
CA GLU A 99 7.26 -7.65 11.84
C GLU A 99 8.47 -8.11 12.63
N ARG A 100 8.92 -7.28 13.58
CA ARG A 100 10.13 -7.60 14.31
C ARG A 100 9.91 -8.69 15.35
N GLY A 101 8.67 -9.08 15.61
CA GLY A 101 8.33 -9.84 16.78
C GLY A 101 7.67 -9.02 17.87
N ASP A 102 7.47 -7.72 17.64
CA ASP A 102 6.82 -6.85 18.60
C ASP A 102 5.41 -6.43 18.20
N GLY A 103 4.95 -6.78 17.01
CA GLY A 103 3.55 -6.71 16.69
C GLY A 103 3.10 -5.65 15.70
N TYR A 104 4.01 -5.03 14.96
CA TYR A 104 3.60 -4.09 13.92
C TYR A 104 4.51 -4.28 12.71
N PHE A 105 4.01 -3.85 11.56
CA PHE A 105 4.69 -4.09 10.29
C PHE A 105 5.52 -2.86 9.94
N ALA A 106 6.72 -2.83 10.51
CA ALA A 106 7.61 -1.69 10.30
C ALA A 106 7.94 -1.50 8.83
N VAL A 107 8.24 -2.60 8.14
CA VAL A 107 8.75 -2.56 6.77
C VAL A 107 7.77 -3.27 5.87
N TRP A 108 7.46 -2.65 4.73
CA TRP A 108 6.51 -3.18 3.76
C TRP A 108 7.18 -3.39 2.42
N GLY A 109 6.77 -4.45 1.72
CA GLY A 109 7.21 -4.66 0.37
C GLY A 109 6.48 -3.74 -0.59
N ALA A 110 6.88 -3.83 -1.86
CA ALA A 110 6.22 -3.02 -2.87
C ALA A 110 4.88 -3.58 -3.30
N GLY A 111 4.60 -4.85 -3.01
CA GLY A 111 3.38 -5.47 -3.45
C GLY A 111 3.52 -6.14 -4.80
N THR A 112 2.87 -7.29 -4.98
CA THR A 112 2.88 -8.03 -6.24
C THR A 112 1.46 -8.16 -6.74
N THR A 113 1.19 -7.61 -7.93
CA THR A 113 -0.15 -7.66 -8.50
C THR A 113 -0.36 -9.00 -9.18
N VAL A 114 -1.39 -9.73 -8.74
CA VAL A 114 -1.73 -11.03 -9.30
C VAL A 114 -3.05 -10.92 -10.04
N THR A 115 -3.05 -11.33 -11.31
CA THR A 115 -4.24 -11.28 -12.15
C THR A 115 -4.50 -12.70 -12.66
N VAL A 116 -5.58 -13.33 -12.19
CA VAL A 116 -5.91 -14.69 -12.58
C VAL A 116 -6.84 -14.63 -13.77
N SER A 117 -6.33 -15.00 -14.94
CA SER A 117 -7.13 -14.94 -16.16
C SER A 117 -6.51 -15.87 -17.19
N SER A 118 -7.35 -16.33 -18.12
CA SER A 118 -6.87 -17.17 -19.21
C SER A 118 -6.25 -16.35 -20.33
N ALA A 119 -6.46 -15.04 -20.34
CA ALA A 119 -6.04 -14.20 -21.45
C ALA A 119 -4.52 -14.18 -21.58
N LYS A 120 -4.05 -13.61 -22.69
CA LYS A 120 -2.63 -13.61 -23.00
C LYS A 120 -1.97 -12.33 -22.53
N THR A 121 -0.68 -12.42 -22.25
CA THR A 121 0.11 -11.28 -21.78
C THR A 121 0.59 -10.46 -22.96
N THR A 122 0.14 -9.20 -23.02
CA THR A 122 0.51 -8.31 -24.11
C THR A 122 1.32 -7.14 -23.59
N PRO A 123 2.50 -6.89 -24.15
CA PRO A 123 3.26 -5.69 -23.80
C PRO A 123 2.48 -4.43 -24.14
N PRO A 124 2.89 -3.27 -23.66
CA PRO A 124 2.18 -2.03 -23.95
C PRO A 124 2.64 -1.39 -25.27
N SER A 125 1.91 -0.34 -25.64
CA SER A 125 2.23 0.49 -26.79
C SER A 125 2.17 1.93 -26.35
N VAL A 126 3.31 2.62 -26.37
CA VAL A 126 3.45 3.98 -25.85
C VAL A 126 3.51 4.96 -27.01
N TYR A 127 2.64 5.95 -26.97
CA TYR A 127 2.59 7.00 -27.97
C TYR A 127 2.74 8.36 -27.29
N PRO A 128 3.61 9.24 -27.79
CA PRO A 128 3.76 10.55 -27.15
C PRO A 128 2.53 11.42 -27.39
N LEU A 129 2.42 12.47 -26.58
CA LEU A 129 1.26 13.37 -26.64
C LEU A 129 1.79 14.80 -26.50
N ALA A 130 2.06 15.44 -27.64
CA ALA A 130 2.55 16.81 -27.70
C ALA A 130 1.43 17.75 -28.17
N PRO A 131 1.43 19.00 -27.70
CA PRO A 131 0.35 19.93 -28.06
C PRO A 131 0.20 20.11 -29.57
N GLY A 132 -0.98 20.55 -29.97
CA GLY A 132 -1.26 20.76 -31.37
C GLY A 132 -0.37 21.84 -31.98
N SER A 133 -0.35 21.86 -33.31
CA SER A 133 0.49 22.81 -34.05
C SER A 133 -0.05 24.24 -33.99
N ALA A 134 -1.12 24.49 -33.23
CA ALA A 134 -1.67 25.84 -33.15
C ALA A 134 -2.35 26.10 -31.81
N ALA A 135 -1.93 25.42 -30.75
CA ALA A 135 -2.46 25.71 -29.42
C ALA A 135 -1.63 26.82 -28.78
N GLN A 136 -2.31 27.82 -28.21
CA GLN A 136 -1.60 28.94 -27.60
C GLN A 136 -0.95 28.50 -26.29
N THR A 137 0.35 28.76 -26.17
CA THR A 137 1.17 28.22 -25.09
C THR A 137 1.15 29.17 -23.89
N ASN A 138 0.47 28.74 -22.82
CA ASN A 138 0.51 29.48 -21.57
C ASN A 138 1.90 29.36 -20.93
N SER A 139 2.07 29.99 -19.77
CA SER A 139 3.35 29.93 -19.06
C SER A 139 3.80 28.50 -18.85
N MET A 140 2.94 27.67 -18.27
CA MET A 140 3.15 26.24 -18.26
C MET A 140 2.61 25.61 -19.55
N VAL A 141 3.08 24.41 -19.83
CA VAL A 141 2.64 23.65 -21.00
C VAL A 141 2.37 22.22 -20.57
N THR A 142 1.22 21.69 -20.97
CA THR A 142 0.80 20.36 -20.59
C THR A 142 1.03 19.40 -21.76
N LEU A 143 1.59 18.23 -21.44
CA LEU A 143 1.89 17.21 -22.44
C LEU A 143 2.00 15.86 -21.72
N GLY A 144 1.65 14.79 -22.42
CA GLY A 144 1.68 13.49 -21.80
C GLY A 144 2.12 12.36 -22.71
N CYS A 145 1.73 11.14 -22.39
CA CYS A 145 1.97 10.01 -23.30
C CYS A 145 1.00 8.90 -22.95
N LEU A 146 0.62 8.13 -23.98
CA LEU A 146 -0.55 7.25 -23.92
C LEU A 146 -0.09 5.80 -24.04
N VAL A 147 -0.27 5.05 -22.96
CA VAL A 147 0.05 3.63 -22.93
C VAL A 147 -1.21 2.86 -23.28
N LYS A 148 -1.20 2.21 -24.45
CA LYS A 148 -2.40 1.61 -25.01
C LYS A 148 -2.22 0.10 -25.19
N GLY A 149 -3.25 -0.65 -24.83
CA GLY A 149 -3.35 -2.07 -25.14
C GLY A 149 -2.34 -2.98 -24.47
N TYR A 150 -2.26 -2.94 -23.14
CA TYR A 150 -1.36 -3.82 -22.40
C TYR A 150 -2.17 -4.73 -21.47
N PHE A 151 -1.54 -5.84 -21.08
CA PHE A 151 -2.18 -6.83 -20.24
C PHE A 151 -1.10 -7.73 -19.66
N PRO A 152 -1.16 -8.09 -18.37
CA PRO A 152 -2.14 -7.56 -17.42
C PRO A 152 -1.62 -6.30 -16.75
N GLU A 153 -2.39 -5.77 -15.79
CA GLU A 153 -1.92 -4.63 -15.02
C GLU A 153 -0.73 -5.08 -14.16
N PRO A 154 0.14 -4.13 -13.74
CA PRO A 154 0.17 -2.69 -13.95
C PRO A 154 1.30 -2.21 -14.87
N VAL A 155 1.45 -0.89 -14.99
CA VAL A 155 2.59 -0.29 -15.67
C VAL A 155 3.11 0.87 -14.83
N THR A 156 4.42 0.87 -14.57
CA THR A 156 5.06 2.01 -13.94
C THR A 156 5.30 3.08 -14.98
N VAL A 157 4.74 4.26 -14.77
CA VAL A 157 4.91 5.39 -15.68
C VAL A 157 5.79 6.43 -15.00
N THR A 158 6.86 6.83 -15.68
CA THR A 158 7.82 7.78 -15.14
C THR A 158 8.14 8.83 -16.19
N TRP A 159 8.61 10.00 -15.72
CA TRP A 159 8.95 11.13 -16.58
C TRP A 159 10.41 11.51 -16.39
N ASN A 160 11.16 11.54 -17.51
CA ASN A 160 12.61 11.73 -17.48
C ASN A 160 13.28 10.75 -16.53
N SER A 161 12.65 9.57 -16.38
CA SER A 161 13.08 8.53 -15.45
C SER A 161 13.07 9.02 -14.00
N GLY A 162 12.12 9.89 -13.66
CA GLY A 162 11.86 10.30 -12.30
C GLY A 162 12.34 11.69 -11.95
N SER A 163 13.25 12.27 -12.74
CA SER A 163 13.82 13.57 -12.39
C SER A 163 12.75 14.65 -12.37
N LEU A 164 11.83 14.59 -13.33
CA LEU A 164 10.73 15.55 -13.42
C LEU A 164 9.51 14.90 -12.80
N SER A 165 9.38 15.03 -11.48
CA SER A 165 8.25 14.48 -10.76
C SER A 165 7.28 15.56 -10.29
N SER A 166 7.31 16.72 -10.92
CA SER A 166 6.50 17.86 -10.52
C SER A 166 5.50 18.17 -11.62
N GLY A 167 4.22 17.93 -11.33
CA GLY A 167 3.15 18.20 -12.25
C GLY A 167 2.60 16.98 -12.97
N VAL A 168 2.56 15.82 -12.32
CA VAL A 168 2.21 14.57 -12.98
C VAL A 168 0.89 14.03 -12.45
N HIS A 169 0.08 13.47 -13.35
CA HIS A 169 -1.06 12.64 -12.97
C HIS A 169 -1.11 11.45 -13.93
N THR A 170 -0.70 10.28 -13.46
CA THR A 170 -0.97 9.06 -14.20
C THR A 170 -2.43 8.66 -13.97
N PHE A 171 -3.10 8.27 -15.03
CA PHE A 171 -4.53 8.00 -14.95
C PHE A 171 -4.80 6.52 -14.78
N PRO A 172 -5.95 6.17 -14.20
CA PRO A 172 -6.30 4.76 -14.07
C PRO A 172 -6.53 4.12 -15.43
N ALA A 173 -6.05 2.88 -15.56
CA ALA A 173 -6.25 2.15 -16.80
C ALA A 173 -7.73 1.85 -16.98
N VAL A 174 -8.15 1.75 -18.24
CA VAL A 174 -9.49 1.31 -18.59
C VAL A 174 -9.37 -0.05 -19.25
N LEU A 175 -10.40 -0.88 -19.06
CA LEU A 175 -10.41 -2.24 -19.60
C LEU A 175 -11.27 -2.30 -20.85
N GLN A 176 -10.87 -3.18 -21.79
CA GLN A 176 -11.56 -3.33 -23.06
C GLN A 176 -11.04 -4.53 -23.85
N SER A 177 -11.90 -5.52 -24.09
CA SER A 177 -11.57 -6.66 -24.94
C SER A 177 -10.29 -7.37 -24.49
N ASP A 178 -10.07 -7.39 -23.18
CA ASP A 178 -8.91 -8.04 -22.55
C ASP A 178 -7.61 -7.30 -22.85
N LEU A 179 -7.64 -5.97 -22.84
CA LEU A 179 -6.45 -5.11 -22.86
C LEU A 179 -6.75 -3.83 -22.11
N TYR A 180 -5.69 -3.15 -21.65
CA TYR A 180 -5.81 -1.96 -20.81
C TYR A 180 -5.37 -0.71 -21.55
N THR A 181 -5.63 0.44 -20.94
CA THR A 181 -5.29 1.73 -21.54
C THR A 181 -5.29 2.81 -20.48
N LEU A 182 -4.16 3.50 -20.31
CA LEU A 182 -4.08 4.66 -19.44
C LEU A 182 -3.30 5.77 -20.13
N SER A 183 -3.28 6.94 -19.49
CA SER A 183 -2.48 8.06 -19.93
C SER A 183 -1.76 8.64 -18.73
N SER A 184 -0.78 9.51 -19.01
CA SER A 184 -0.09 10.26 -17.98
C SER A 184 0.03 11.71 -18.43
N SER A 185 0.15 12.62 -17.46
CA SER A 185 0.28 14.04 -17.75
C SER A 185 1.51 14.60 -17.04
N VAL A 186 2.11 15.63 -17.63
CA VAL A 186 3.23 16.34 -17.02
C VAL A 186 3.20 17.78 -17.51
N THR A 187 3.68 18.69 -16.67
CA THR A 187 3.57 20.11 -16.96
C THR A 187 4.86 20.82 -16.57
N VAL A 188 5.42 21.58 -17.51
CA VAL A 188 6.69 22.27 -17.33
C VAL A 188 6.51 23.72 -17.79
N PRO A 189 7.44 24.62 -17.47
CA PRO A 189 7.36 25.98 -18.04
C PRO A 189 7.65 25.96 -19.53
N SER A 190 6.79 26.61 -20.31
CA SER A 190 7.03 26.74 -21.75
C SER A 190 8.30 27.51 -22.05
N SER A 191 8.94 28.09 -21.05
CA SER A 191 10.30 28.58 -21.20
C SER A 191 11.27 27.43 -21.37
N SER A 192 11.26 26.49 -20.42
CA SER A 192 12.27 25.42 -20.40
C SER A 192 12.07 24.43 -21.53
N TRP A 193 10.83 24.18 -21.94
CA TRP A 193 10.61 23.21 -22.99
C TRP A 193 10.34 23.91 -24.33
N PRO A 194 10.78 23.35 -25.46
CA PRO A 194 11.57 22.14 -25.66
C PRO A 194 13.06 22.32 -25.40
N SER A 195 13.48 23.52 -25.01
CA SER A 195 14.89 23.77 -24.76
C SER A 195 15.47 22.82 -23.72
N GLU A 196 14.63 22.14 -22.93
CA GLU A 196 15.03 21.04 -22.07
C GLU A 196 14.18 19.83 -22.42
N THR A 197 14.84 18.71 -22.73
CA THR A 197 14.14 17.55 -23.26
C THR A 197 13.36 16.84 -22.16
N VAL A 198 12.27 16.16 -22.58
CA VAL A 198 11.33 15.54 -21.65
C VAL A 198 10.90 14.20 -22.24
N THR A 199 11.04 13.13 -21.46
CA THR A 199 10.79 11.76 -21.92
C THR A 199 10.00 11.01 -20.87
N CYS A 200 8.99 10.25 -21.30
CA CYS A 200 8.25 9.37 -20.39
C CYS A 200 8.69 7.93 -20.61
N ASN A 201 8.94 7.24 -19.49
CA ASN A 201 9.38 5.85 -19.50
C ASN A 201 8.28 4.99 -18.89
N VAL A 202 7.92 3.92 -19.58
CA VAL A 202 6.77 3.10 -19.21
C VAL A 202 7.29 1.68 -19.00
N ALA A 203 7.56 1.33 -17.74
CA ALA A 203 7.88 -0.05 -17.38
C ALA A 203 6.60 -0.87 -17.29
N HIS A 204 6.68 -2.12 -17.74
CA HIS A 204 5.56 -3.07 -17.63
C HIS A 204 6.11 -4.33 -16.98
N PRO A 205 6.01 -4.45 -15.65
CA PRO A 205 6.64 -5.59 -14.96
C PRO A 205 6.12 -6.94 -15.40
N ALA A 206 4.81 -7.03 -15.70
CA ALA A 206 4.22 -8.32 -16.04
C ALA A 206 4.88 -8.93 -17.27
N SER A 207 5.12 -8.12 -18.30
CA SER A 207 5.74 -8.62 -19.52
C SER A 207 7.26 -8.49 -19.51
N SER A 208 7.82 -7.78 -18.52
CA SER A 208 9.26 -7.53 -18.43
C SER A 208 9.74 -6.70 -19.62
N THR A 209 9.07 -5.57 -19.85
CA THR A 209 9.41 -4.65 -20.92
C THR A 209 9.27 -3.22 -20.42
N LYS A 210 10.34 -2.45 -20.50
CA LYS A 210 10.32 -1.02 -20.21
C LYS A 210 10.66 -0.26 -21.48
N VAL A 211 9.99 0.87 -21.70
CA VAL A 211 10.14 1.61 -22.94
C VAL A 211 10.21 3.11 -22.65
N ASP A 212 10.89 3.84 -23.54
CA ASP A 212 11.11 5.27 -23.47
C ASP A 212 10.32 5.97 -24.57
N LYS A 213 10.03 7.25 -24.35
CA LYS A 213 9.54 8.09 -25.45
C LYS A 213 9.70 9.55 -25.09
N LYS A 214 10.50 10.25 -25.87
CA LYS A 214 10.63 11.69 -25.79
C LYS A 214 9.37 12.36 -26.35
N ILE A 215 8.89 13.40 -25.67
CA ILE A 215 7.76 14.15 -26.18
C ILE A 215 8.27 15.37 -26.94
N VAL A 216 8.69 15.15 -28.18
CA VAL A 216 9.23 16.22 -29.02
C VAL A 216 8.07 17.04 -29.59
N PRO A 217 8.32 18.26 -30.07
CA PRO A 217 7.27 18.98 -30.79
C PRO A 217 6.97 18.34 -32.13
N ARG A 218 5.90 18.83 -32.77
CA ARG A 218 5.46 18.30 -34.05
C ARG A 218 6.37 18.89 -35.13
N ASP A 219 7.43 18.16 -35.45
CA ASP A 219 8.48 18.64 -36.36
C ASP A 219 8.04 18.68 -37.82
N ASP B 1 -10.86 -13.77 16.82
CA ASP B 1 -10.55 -12.74 15.84
C ASP B 1 -11.13 -11.38 16.26
N ILE B 2 -10.26 -10.43 16.55
CA ILE B 2 -10.66 -9.14 17.08
C ILE B 2 -11.16 -8.25 15.95
N LEU B 3 -12.23 -7.52 16.22
CA LEU B 3 -12.86 -6.66 15.23
C LEU B 3 -12.48 -5.21 15.50
N LEU B 4 -11.66 -4.64 14.61
CA LEU B 4 -11.43 -3.19 14.61
C LEU B 4 -12.45 -2.53 13.70
N THR B 5 -13.04 -1.43 14.17
CA THR B 5 -14.16 -0.78 13.48
C THR B 5 -13.88 0.71 13.40
N GLN B 6 -13.41 1.18 12.24
CA GLN B 6 -13.11 2.59 12.03
C GLN B 6 -14.35 3.30 11.50
N SER B 7 -14.93 4.17 12.33
CA SER B 7 -15.94 5.11 11.89
C SER B 7 -15.41 6.53 12.10
N PRO B 8 -15.66 7.44 11.15
CA PRO B 8 -16.46 7.24 9.93
C PRO B 8 -15.68 6.55 8.82
N ALA B 9 -16.33 6.31 7.68
CA ALA B 9 -15.63 5.75 6.53
C ALA B 9 -14.81 6.80 5.82
N ILE B 10 -15.40 7.98 5.60
CA ILE B 10 -14.75 9.08 4.89
C ILE B 10 -14.81 10.30 5.80
N LEU B 11 -13.86 11.23 5.59
CA LEU B 11 -13.65 12.32 6.55
C LEU B 11 -13.34 13.61 5.81
N SER B 12 -14.37 14.39 5.49
CA SER B 12 -14.17 15.71 4.92
C SER B 12 -13.59 16.66 5.97
N VAL B 13 -12.78 17.59 5.50
CA VAL B 13 -12.12 18.56 6.38
C VAL B 13 -11.51 19.68 5.52
N SER B 14 -11.38 20.90 6.09
CA SER B 14 -10.73 22.01 5.43
C SER B 14 -9.25 22.08 5.83
N PRO B 15 -8.38 22.55 4.94
CA PRO B 15 -6.93 22.42 5.17
C PRO B 15 -6.49 23.15 6.43
N GLY B 16 -5.46 22.59 7.08
CA GLY B 16 -4.87 23.16 8.26
C GLY B 16 -5.56 22.83 9.57
N GLU B 17 -6.71 22.18 9.51
CA GLU B 17 -7.56 21.92 10.66
C GLU B 17 -7.15 20.60 11.33
N ARG B 18 -7.55 20.44 12.59
CA ARG B 18 -7.35 19.16 13.25
C ARG B 18 -8.36 18.13 12.74
N VAL B 19 -8.00 16.86 12.85
CA VAL B 19 -8.82 15.78 12.33
C VAL B 19 -8.53 14.53 13.17
N SER B 20 -9.54 13.69 13.34
CA SER B 20 -9.41 12.55 14.23
C SER B 20 -10.20 11.38 13.67
N PHE B 21 -9.52 10.31 13.31
CA PHE B 21 -10.15 9.06 12.91
C PHE B 21 -10.30 8.19 14.15
N SER B 22 -11.53 7.88 14.52
CA SER B 22 -11.75 6.93 15.60
C SER B 22 -11.53 5.51 15.11
N CYS B 23 -10.98 4.69 15.99
CA CYS B 23 -10.97 3.25 15.82
C CYS B 23 -11.44 2.62 17.12
N ARG B 24 -12.34 1.65 17.00
CA ARG B 24 -13.06 1.11 18.16
C ARG B 24 -13.01 -0.40 18.10
N ALA B 25 -12.37 -1.01 19.10
CA ALA B 25 -12.18 -2.46 19.11
C ALA B 25 -13.44 -3.16 19.62
N SER B 26 -13.46 -4.48 19.46
CA SER B 26 -14.57 -5.32 19.89
C SER B 26 -14.35 -5.92 21.28
N GLN B 27 -13.22 -5.61 21.91
CA GLN B 27 -12.88 -5.99 23.26
C GLN B 27 -11.56 -5.31 23.58
N SER B 28 -11.25 -5.20 24.87
CA SER B 28 -10.10 -4.43 25.29
C SER B 28 -8.81 -5.05 24.77
N ILE B 29 -7.93 -4.21 24.22
CA ILE B 29 -6.65 -4.64 23.66
C ILE B 29 -5.53 -3.79 24.23
N GLY B 30 -5.87 -3.00 25.26
CA GLY B 30 -4.90 -2.14 25.92
C GLY B 30 -4.39 -1.02 25.06
N THR B 31 -3.14 -1.13 24.62
CA THR B 31 -2.52 -0.12 23.77
C THR B 31 -1.94 -0.73 22.50
N ASP B 32 -2.29 -1.97 22.18
CA ASP B 32 -1.68 -2.71 21.08
C ASP B 32 -2.36 -2.42 19.74
N ILE B 33 -2.71 -1.16 19.48
CA ILE B 33 -3.14 -0.72 18.16
C ILE B 33 -1.97 -0.02 17.48
N HIS B 34 -1.95 -0.06 16.15
CA HIS B 34 -0.94 0.64 15.37
C HIS B 34 -1.59 1.19 14.11
N TRP B 35 -1.14 2.38 13.69
CA TRP B 35 -1.78 3.05 12.57
C TRP B 35 -0.88 3.00 11.34
N TYR B 36 -1.52 2.92 10.18
CA TYR B 36 -0.83 2.85 8.90
C TYR B 36 -1.48 3.79 7.91
N GLN B 37 -0.65 4.48 7.13
CA GLN B 37 -1.12 5.30 6.02
C GLN B 37 -0.81 4.60 4.71
N GLN B 38 -1.76 4.64 3.78
CA GLN B 38 -1.57 4.03 2.47
C GLN B 38 -2.17 4.96 1.43
N ARG B 39 -1.33 5.76 0.78
CA ARG B 39 -1.78 6.65 -0.27
C ARG B 39 -2.18 5.84 -1.50
N THR B 40 -2.69 6.55 -2.51
CA THR B 40 -3.00 5.92 -3.78
C THR B 40 -1.75 5.30 -4.39
N ASN B 41 -1.88 4.02 -4.78
CA ASN B 41 -0.86 3.23 -5.48
C ASN B 41 0.34 2.71 -4.67
N GLY B 42 0.51 3.20 -3.45
CA GLY B 42 1.71 2.90 -2.70
C GLY B 42 1.31 1.92 -1.63
N SER B 43 2.33 1.28 -1.03
CA SER B 43 2.15 0.30 0.04
C SER B 43 1.88 1.01 1.37
N PRO B 44 1.37 0.30 2.37
CA PRO B 44 1.11 0.94 3.66
C PRO B 44 2.40 1.36 4.34
N ARG B 45 2.24 2.19 5.37
CA ARG B 45 3.36 2.94 5.93
C ARG B 45 3.04 3.23 7.39
N LEU B 46 3.80 2.61 8.30
CA LEU B 46 3.53 2.74 9.72
C LEU B 46 3.61 4.19 10.18
N LEU B 47 2.55 4.66 10.84
CA LEU B 47 2.46 6.03 11.31
C LEU B 47 2.67 6.13 12.82
N ILE B 48 1.83 5.43 13.58
CA ILE B 48 1.89 5.41 15.04
C ILE B 48 1.94 3.95 15.48
N LYS B 49 2.84 3.65 16.42
CA LYS B 49 2.90 2.32 16.99
C LYS B 49 2.48 2.38 18.46
N TYR B 50 1.89 1.27 18.91
CA TYR B 50 1.45 1.12 20.30
C TYR B 50 0.56 2.29 20.74
N ALA B 51 -0.32 2.71 19.83
CA ALA B 51 -1.41 3.66 20.09
C ALA B 51 -1.03 5.09 20.46
N SER B 52 0.23 5.35 20.81
CA SER B 52 0.65 6.67 21.25
C SER B 52 2.05 6.98 20.73
N GLU B 53 2.98 6.04 20.85
CA GLU B 53 4.37 6.29 20.48
C GLU B 53 4.48 6.69 19.01
N SER B 54 5.41 7.59 18.72
CA SER B 54 5.61 8.07 17.36
C SER B 54 6.69 7.24 16.65
N ILE B 55 6.76 7.41 15.34
CA ILE B 55 7.75 6.74 14.50
C ILE B 55 8.75 7.76 13.98
N SER B 56 10.03 7.40 14.02
CA SER B 56 11.11 8.28 13.60
C SER B 56 11.08 8.46 12.09
N GLY B 57 10.62 9.63 11.63
CA GLY B 57 10.49 9.89 10.21
C GLY B 57 9.08 10.25 9.80
N ILE B 58 8.20 10.37 10.78
CA ILE B 58 6.80 10.72 10.57
C ILE B 58 6.62 12.17 11.00
N PRO B 59 5.88 12.99 10.25
CA PRO B 59 5.68 14.37 10.66
C PRO B 59 4.99 14.45 12.02
N SER B 60 5.39 15.45 12.82
CA SER B 60 4.86 15.62 14.16
C SER B 60 3.36 15.92 14.17
N ARG B 61 2.77 16.19 13.01
CA ARG B 61 1.33 16.39 12.91
C ARG B 61 0.55 15.23 13.52
N PHE B 62 1.04 14.00 13.31
CA PHE B 62 0.31 12.81 13.72
C PHE B 62 0.50 12.56 15.21
N SER B 63 -0.60 12.32 15.91
CA SER B 63 -0.58 12.23 17.37
C SER B 63 -1.46 11.05 17.79
N GLY B 64 -0.83 10.03 18.37
CA GLY B 64 -1.58 8.85 18.77
C GLY B 64 -2.24 8.99 20.12
N SER B 65 -3.55 8.73 20.17
CA SER B 65 -4.34 8.83 21.39
C SER B 65 -5.07 7.52 21.64
N GLY B 66 -5.54 7.34 22.87
CA GLY B 66 -6.50 6.31 23.19
C GLY B 66 -5.87 5.14 23.94
N SER B 67 -6.77 4.29 24.44
CA SER B 67 -6.44 3.08 25.18
C SER B 67 -7.71 2.27 25.47
N GLY B 68 -7.60 0.94 25.52
CA GLY B 68 -8.73 0.08 25.83
C GLY B 68 -9.50 -0.40 24.61
N THR B 69 -10.64 0.24 24.33
CA THR B 69 -11.39 -0.03 23.11
C THR B 69 -11.68 1.23 22.31
N ASP B 70 -11.24 2.40 22.77
CA ASP B 70 -11.40 3.65 22.03
C ASP B 70 -10.03 4.21 21.71
N PHE B 71 -9.74 4.36 20.42
CA PHE B 71 -8.45 4.81 19.95
C PHE B 71 -8.66 5.96 18.96
N THR B 72 -7.63 6.78 18.78
CA THR B 72 -7.79 7.97 17.94
C THR B 72 -6.46 8.34 17.31
N LEU B 73 -6.42 8.31 15.98
CA LEU B 73 -5.35 8.97 15.24
C LEU B 73 -5.74 10.43 15.05
N SER B 74 -4.82 11.33 15.36
CA SER B 74 -5.07 12.75 15.23
C SER B 74 -3.95 13.39 14.42
N ILE B 75 -4.33 14.39 13.62
CA ILE B 75 -3.38 15.14 12.83
C ILE B 75 -3.56 16.61 13.22
N ASN B 76 -2.63 17.13 14.03
CA ASN B 76 -2.70 18.51 14.51
C ASN B 76 -2.27 19.43 13.37
N SER B 77 -3.26 19.80 12.54
CA SER B 77 -3.19 20.46 11.23
C SER B 77 -3.44 19.45 10.12
N VAL B 78 -3.67 19.93 8.90
CA VAL B 78 -3.81 19.08 7.71
C VAL B 78 -3.22 19.83 6.53
N GLU B 79 -2.52 19.09 5.66
CA GLU B 79 -2.10 19.64 4.38
C GLU B 79 -2.33 18.60 3.30
N SER B 80 -2.20 19.02 2.04
CA SER B 80 -2.67 18.22 0.92
C SER B 80 -1.91 16.90 0.81
N GLU B 81 -0.65 16.85 1.26
CA GLU B 81 0.15 15.64 1.18
C GLU B 81 -0.34 14.54 2.11
N ASP B 82 -1.41 14.78 2.87
CA ASP B 82 -1.91 13.83 3.85
C ASP B 82 -3.11 13.03 3.37
N ILE B 83 -3.52 13.18 2.12
CA ILE B 83 -4.68 12.45 1.61
C ILE B 83 -4.27 11.00 1.35
N ALA B 84 -4.94 10.06 2.01
CA ALA B 84 -4.62 8.65 1.91
C ALA B 84 -5.72 7.85 2.61
N ASN B 85 -5.60 6.53 2.57
CA ASN B 85 -6.36 5.66 3.45
C ASN B 85 -5.57 5.43 4.72
N TYR B 86 -6.28 5.31 5.84
CA TYR B 86 -5.64 5.12 7.13
C TYR B 86 -6.17 3.86 7.79
N TYR B 87 -5.26 2.97 8.16
CA TYR B 87 -5.62 1.67 8.71
C TYR B 87 -5.07 1.49 10.11
N CYS B 88 -5.82 0.77 10.93
CA CYS B 88 -5.43 0.36 12.27
C CYS B 88 -5.30 -1.16 12.32
N GLN B 89 -4.52 -1.64 13.28
CA GLN B 89 -4.14 -3.05 13.27
C GLN B 89 -3.74 -3.46 14.69
N GLN B 90 -4.50 -4.37 15.30
CA GLN B 90 -4.24 -4.77 16.67
C GLN B 90 -3.26 -5.94 16.72
N SER B 91 -2.47 -5.99 17.80
CA SER B 91 -1.50 -7.05 18.04
C SER B 91 -1.70 -7.69 19.41
N ASN B 92 -2.88 -7.51 20.00
CA ASN B 92 -3.09 -7.97 21.36
C ASN B 92 -3.43 -9.45 21.42
N ARG B 93 -4.17 -9.95 20.45
CA ARG B 93 -4.59 -11.35 20.43
C ARG B 93 -4.52 -11.87 19.00
N TRP B 94 -4.16 -13.16 18.87
CA TRP B 94 -4.00 -13.76 17.55
C TRP B 94 -5.36 -14.10 16.95
N PRO B 95 -5.56 -13.87 15.64
CA PRO B 95 -4.55 -13.33 14.73
C PRO B 95 -4.50 -11.80 14.77
N PHE B 96 -3.41 -11.23 14.27
CA PHE B 96 -3.40 -9.81 14.01
C PHE B 96 -4.50 -9.48 13.01
N THR B 97 -5.16 -8.35 13.21
CA THR B 97 -6.29 -7.96 12.37
C THR B 97 -6.09 -6.53 11.90
N PHE B 98 -6.94 -6.11 10.95
CA PHE B 98 -6.91 -4.76 10.44
C PHE B 98 -8.30 -4.16 10.53
N GLY B 99 -8.35 -2.83 10.48
CA GLY B 99 -9.62 -2.14 10.43
C GLY B 99 -10.13 -2.02 9.01
N SER B 100 -11.34 -1.50 8.89
CA SER B 100 -11.93 -1.36 7.56
C SER B 100 -11.27 -0.21 6.79
N GLY B 101 -10.73 0.77 7.50
CA GLY B 101 -9.98 1.84 6.86
C GLY B 101 -10.80 3.11 6.72
N THR B 102 -10.11 4.24 6.72
CA THR B 102 -10.72 5.55 6.56
C THR B 102 -9.94 6.36 5.54
N LYS B 103 -10.64 6.92 4.57
CA LYS B 103 -10.03 7.84 3.61
C LYS B 103 -10.28 9.27 4.07
N LEU B 104 -9.32 10.15 3.77
CA LEU B 104 -9.38 11.55 4.18
C LEU B 104 -9.54 12.42 2.94
N GLU B 105 -10.65 13.14 2.86
CA GLU B 105 -10.94 14.07 1.77
C GLU B 105 -10.80 15.50 2.27
N ILE B 106 -10.42 16.40 1.37
CA ILE B 106 -10.15 17.79 1.72
C ILE B 106 -11.12 18.69 0.96
N LYS B 107 -11.97 19.39 1.69
CA LYS B 107 -12.68 20.52 1.10
C LYS B 107 -11.68 21.63 0.86
N ARG B 108 -11.60 22.11 -0.39
CA ARG B 108 -10.73 23.21 -0.73
C ARG B 108 -11.50 24.22 -1.57
N ALA B 109 -10.84 25.32 -1.88
CA ALA B 109 -11.44 26.32 -2.76
C ALA B 109 -11.69 25.70 -4.13
N ASP B 110 -12.85 26.04 -4.71
CA ASP B 110 -13.18 25.55 -6.03
C ASP B 110 -12.13 25.99 -7.05
N ALA B 111 -11.88 25.12 -8.04
CA ALA B 111 -10.87 25.40 -9.05
C ALA B 111 -11.32 24.84 -10.40
N ALA B 112 -11.01 25.55 -11.46
CA ALA B 112 -11.42 25.34 -12.82
C ALA B 112 -10.42 24.45 -13.56
N PRO B 113 -10.89 23.57 -14.44
CA PRO B 113 -10.00 22.55 -15.02
C PRO B 113 -9.08 23.09 -16.10
N THR B 114 -7.84 22.62 -16.09
CA THR B 114 -6.90 22.85 -17.18
C THR B 114 -7.20 21.86 -18.29
N VAL B 115 -7.62 22.36 -19.44
CA VAL B 115 -8.01 21.50 -20.54
C VAL B 115 -6.87 21.44 -21.55
N SER B 116 -6.58 20.24 -22.02
CA SER B 116 -5.53 20.03 -23.02
C SER B 116 -5.99 18.94 -23.97
N ILE B 117 -6.09 19.27 -25.25
CA ILE B 117 -6.53 18.33 -26.28
C ILE B 117 -5.31 17.89 -27.07
N PHE B 118 -5.25 16.61 -27.43
CA PHE B 118 -4.04 16.03 -28.02
C PHE B 118 -4.39 15.21 -29.26
N PRO B 119 -3.82 15.51 -30.42
CA PRO B 119 -4.09 14.69 -31.60
C PRO B 119 -3.36 13.36 -31.51
N PRO B 120 -3.89 12.31 -32.12
CA PRO B 120 -3.19 11.02 -32.12
C PRO B 120 -1.81 11.16 -32.73
N SER B 121 -0.82 10.59 -32.05
CA SER B 121 0.57 10.77 -32.44
C SER B 121 0.81 10.23 -33.84
N SER B 122 1.81 10.80 -34.51
CA SER B 122 2.23 10.29 -35.80
C SER B 122 2.54 8.80 -35.73
N GLU B 123 3.13 8.36 -34.63
CA GLU B 123 3.45 6.94 -34.47
C GLU B 123 2.19 6.09 -34.37
N GLN B 124 1.16 6.60 -33.70
CA GLN B 124 -0.03 5.81 -33.42
C GLN B 124 -0.81 5.49 -34.69
N LEU B 125 -0.97 6.48 -35.58
CA LEU B 125 -1.73 6.25 -36.81
C LEU B 125 -1.05 5.25 -37.73
N THR B 126 0.26 5.04 -37.58
CA THR B 126 1.01 4.11 -38.42
C THR B 126 0.73 2.65 -38.07
N SER B 127 -0.36 2.37 -37.35
CA SER B 127 -0.81 1.00 -37.11
C SER B 127 -2.19 0.80 -37.72
N GLY B 128 -3.22 1.42 -37.16
CA GLY B 128 -4.56 1.31 -37.71
C GLY B 128 -5.59 1.98 -36.83
N GLY B 129 -5.16 2.94 -36.03
CA GLY B 129 -6.07 3.63 -35.13
C GLY B 129 -5.60 5.02 -34.80
N ALA B 130 -6.53 5.80 -34.24
CA ALA B 130 -6.25 7.20 -33.89
C ALA B 130 -7.11 7.57 -32.69
N SER B 131 -6.48 7.85 -31.56
CA SER B 131 -7.19 8.20 -30.34
C SER B 131 -6.89 9.65 -29.97
N VAL B 132 -7.93 10.41 -29.69
CA VAL B 132 -7.81 11.81 -29.30
C VAL B 132 -7.98 11.88 -27.78
N VAL B 133 -6.87 12.14 -27.09
CA VAL B 133 -6.87 12.19 -25.64
C VAL B 133 -6.99 13.65 -25.21
N CYS B 134 -7.79 13.89 -24.17
CA CYS B 134 -8.09 15.26 -23.72
C CYS B 134 -8.07 15.28 -22.19
N PHE B 135 -7.13 16.02 -21.61
CA PHE B 135 -6.94 16.06 -20.16
C PHE B 135 -7.70 17.21 -19.53
N LEU B 136 -8.48 16.90 -18.49
CA LEU B 136 -8.97 17.89 -17.54
C LEU B 136 -8.14 17.73 -16.27
N ASN B 137 -7.39 18.78 -15.91
CA ASN B 137 -6.40 18.69 -14.84
C ASN B 137 -6.71 19.68 -13.72
N ASN B 138 -6.67 19.18 -12.49
CA ASN B 138 -6.64 20.01 -11.29
C ASN B 138 -7.86 20.91 -11.13
N PHE B 139 -9.04 20.31 -11.07
CA PHE B 139 -10.27 21.02 -10.76
C PHE B 139 -10.79 20.56 -9.38
N TYR B 140 -11.78 21.30 -8.88
CA TYR B 140 -12.50 20.92 -7.67
C TYR B 140 -13.81 21.69 -7.63
N PRO B 141 -14.95 21.03 -7.35
CA PRO B 141 -15.11 19.60 -7.01
C PRO B 141 -14.86 18.66 -8.18
N LYS B 142 -14.85 17.36 -7.89
CA LYS B 142 -14.52 16.35 -8.89
C LYS B 142 -15.63 16.12 -9.89
N ASP B 143 -16.72 16.86 -9.83
CA ASP B 143 -17.88 16.65 -10.70
C ASP B 143 -17.73 17.54 -11.93
N ILE B 144 -17.44 16.92 -13.07
CA ILE B 144 -17.16 17.63 -14.31
C ILE B 144 -17.78 16.85 -15.47
N ASN B 145 -18.29 17.57 -16.46
CA ASN B 145 -19.05 16.98 -17.56
C ASN B 145 -18.28 17.16 -18.86
N VAL B 146 -17.55 16.11 -19.27
CA VAL B 146 -16.83 16.15 -20.53
C VAL B 146 -17.82 16.00 -21.68
N LYS B 147 -17.45 16.53 -22.86
CA LYS B 147 -18.29 16.42 -24.04
C LYS B 147 -17.39 16.37 -25.29
N TRP B 148 -17.65 15.39 -26.15
CA TRP B 148 -16.94 15.25 -27.40
C TRP B 148 -17.79 15.79 -28.54
N LYS B 149 -17.13 16.29 -29.58
CA LYS B 149 -17.83 16.70 -30.78
C LYS B 149 -16.88 16.46 -31.95
N ILE B 150 -17.43 16.10 -33.10
CA ILE B 150 -16.66 15.94 -34.32
C ILE B 150 -17.26 16.87 -35.35
N ASP B 151 -16.52 17.91 -35.74
CA ASP B 151 -16.91 18.91 -36.73
C ASP B 151 -18.08 19.77 -36.26
N GLY B 152 -18.40 19.75 -34.97
CA GLY B 152 -19.56 20.42 -34.44
C GLY B 152 -20.68 19.48 -34.04
N SER B 153 -20.68 18.25 -34.54
CA SER B 153 -21.70 17.26 -34.22
C SER B 153 -21.18 16.33 -33.12
N GLU B 154 -22.05 16.02 -32.17
CA GLU B 154 -21.66 15.51 -30.87
C GLU B 154 -21.54 13.98 -30.90
N ARG B 155 -20.35 13.47 -30.61
CA ARG B 155 -20.06 12.04 -30.67
C ARG B 155 -20.15 11.45 -29.27
N GLN B 156 -20.97 10.40 -29.12
CA GLN B 156 -21.23 9.79 -27.83
C GLN B 156 -20.59 8.41 -27.68
N ASN B 157 -19.73 8.01 -28.62
CA ASN B 157 -19.27 6.63 -28.69
C ASN B 157 -17.75 6.56 -28.82
N GLY B 158 -17.22 5.40 -28.46
CA GLY B 158 -15.78 5.19 -28.50
C GLY B 158 -15.04 6.07 -27.50
N VAL B 159 -15.65 6.31 -26.35
CA VAL B 159 -15.18 7.30 -25.40
C VAL B 159 -14.84 6.61 -24.10
N LEU B 160 -13.57 6.68 -23.70
CA LEU B 160 -13.09 6.11 -22.45
C LEU B 160 -12.53 7.21 -21.57
N ASN B 161 -13.31 7.63 -20.58
CA ASN B 161 -12.83 8.56 -19.57
C ASN B 161 -12.21 7.81 -18.41
N SER B 162 -11.38 8.52 -17.65
CA SER B 162 -10.77 7.97 -16.45
C SER B 162 -10.55 9.11 -15.47
N TRP B 163 -10.83 8.85 -14.18
CA TRP B 163 -10.76 9.87 -13.14
C TRP B 163 -9.68 9.53 -12.15
N THR B 164 -8.88 10.53 -11.76
CA THR B 164 -7.89 10.35 -10.72
C THR B 164 -8.55 10.41 -9.35
N ASP B 165 -8.04 9.60 -8.42
CA ASP B 165 -8.30 9.84 -7.01
C ASP B 165 -7.80 11.23 -6.65
N GLN B 166 -8.31 11.78 -5.55
CA GLN B 166 -7.95 13.15 -5.19
C GLN B 166 -6.44 13.28 -5.02
N ASP B 167 -5.84 14.11 -5.87
CA ASP B 167 -4.39 14.28 -5.90
C ASP B 167 -3.89 14.74 -4.53
N SER B 168 -2.63 14.40 -4.23
CA SER B 168 -2.05 14.77 -2.95
C SER B 168 -0.85 15.69 -3.11
N LYS B 169 -0.97 16.68 -4.02
CA LYS B 169 -0.13 17.86 -4.00
C LYS B 169 -0.93 19.14 -3.83
N ASP B 170 -2.22 19.10 -4.17
CA ASP B 170 -3.06 20.28 -4.34
C ASP B 170 -4.49 20.10 -3.86
N SER B 171 -4.91 18.86 -3.55
CA SER B 171 -6.28 18.52 -3.13
C SER B 171 -7.27 18.65 -4.29
N THR B 172 -6.82 18.41 -5.52
CA THR B 172 -7.66 18.53 -6.71
C THR B 172 -7.72 17.21 -7.46
N TYR B 173 -8.61 17.16 -8.45
CA TYR B 173 -8.84 15.96 -9.25
C TYR B 173 -8.46 16.23 -10.70
N SER B 174 -8.31 15.15 -11.45
CA SER B 174 -7.99 15.24 -12.87
C SER B 174 -8.66 14.10 -13.62
N MET B 175 -8.75 14.25 -14.95
CA MET B 175 -9.52 13.29 -15.73
C MET B 175 -9.03 13.29 -17.18
N SER B 176 -8.88 12.09 -17.74
CA SER B 176 -8.50 11.90 -19.13
C SER B 176 -9.69 11.38 -19.93
N SER B 177 -9.49 11.27 -21.25
CA SER B 177 -10.58 10.86 -22.14
C SER B 177 -9.98 10.36 -23.46
N THR B 178 -9.79 9.05 -23.53
CA THR B 178 -9.39 8.43 -24.78
C THR B 178 -10.57 8.39 -25.75
N LEU B 179 -10.27 8.56 -27.03
CA LEU B 179 -11.31 8.60 -28.08
C LEU B 179 -10.94 7.56 -29.13
N THR B 180 -11.45 6.35 -28.96
CA THR B 180 -11.02 5.21 -29.76
C THR B 180 -11.80 5.17 -31.07
N LEU B 181 -11.09 5.38 -32.18
CA LEU B 181 -11.66 5.25 -33.51
C LEU B 181 -10.85 4.24 -34.32
N THR B 182 -10.87 4.40 -35.64
CA THR B 182 -9.94 3.73 -36.55
C THR B 182 -9.27 4.79 -37.40
N LYS B 183 -8.07 4.49 -37.89
CA LYS B 183 -7.40 5.40 -38.81
C LYS B 183 -8.31 5.74 -39.98
N ASP B 184 -8.93 4.71 -40.56
CA ASP B 184 -9.93 4.88 -41.62
C ASP B 184 -10.95 5.97 -41.29
N GLU B 185 -11.47 5.95 -40.06
CA GLU B 185 -12.55 6.86 -39.68
C GLU B 185 -12.01 8.25 -39.33
N TYR B 186 -10.86 8.31 -38.67
CA TYR B 186 -10.25 9.59 -38.31
C TYR B 186 -9.99 10.44 -39.55
N GLU B 187 -9.65 9.81 -40.68
CA GLU B 187 -9.27 10.58 -41.86
C GLU B 187 -10.45 11.29 -42.50
N ARG B 188 -11.66 10.76 -42.36
CA ARG B 188 -12.84 11.38 -42.97
C ARG B 188 -13.65 12.18 -41.96
N HIS B 189 -12.94 12.96 -41.14
CA HIS B 189 -13.51 13.99 -40.28
C HIS B 189 -12.42 15.02 -40.03
N ASN B 190 -12.78 16.30 -40.09
CA ASN B 190 -11.78 17.36 -40.00
C ASN B 190 -11.54 17.82 -38.57
N SER B 191 -12.60 18.09 -37.81
CA SER B 191 -12.49 18.71 -36.50
C SER B 191 -12.81 17.72 -35.39
N TYR B 192 -12.29 18.02 -34.21
CA TYR B 192 -12.53 17.22 -33.00
C TYR B 192 -12.46 18.16 -31.82
N THR B 193 -13.50 18.21 -30.99
CA THR B 193 -13.53 19.23 -29.95
C THR B 193 -13.82 18.54 -28.63
N CYS B 194 -13.50 19.23 -27.54
CA CYS B 194 -13.53 18.64 -26.20
C CYS B 194 -14.07 19.70 -25.23
N GLU B 195 -15.36 19.63 -24.94
CA GLU B 195 -16.01 20.60 -24.06
C GLU B 195 -16.15 20.04 -22.66
N ALA B 196 -15.96 20.90 -21.66
CA ALA B 196 -16.02 20.50 -20.25
C ALA B 196 -16.83 21.52 -19.45
N THR B 197 -18.09 21.19 -19.17
CA THR B 197 -18.91 22.00 -18.30
C THR B 197 -18.59 21.65 -16.85
N HIS B 198 -18.17 22.65 -16.07
CA HIS B 198 -17.78 22.42 -14.69
C HIS B 198 -18.44 23.47 -13.80
N LYS B 199 -18.50 23.17 -12.50
CA LYS B 199 -19.14 24.05 -11.53
C LYS B 199 -18.57 25.46 -11.57
N THR B 200 -17.29 25.59 -11.89
CA THR B 200 -16.65 26.90 -11.87
C THR B 200 -17.09 27.80 -13.02
N SER B 201 -17.70 27.24 -14.06
CA SER B 201 -17.93 27.99 -15.29
C SER B 201 -19.28 27.62 -15.86
N THR B 202 -20.20 28.59 -15.90
CA THR B 202 -21.40 28.44 -16.70
C THR B 202 -21.03 28.23 -18.16
N SER B 203 -20.15 29.08 -18.67
CA SER B 203 -19.58 28.88 -20.00
C SER B 203 -18.82 27.57 -20.02
N PRO B 204 -19.05 26.70 -21.01
CA PRO B 204 -18.29 25.44 -21.09
C PRO B 204 -16.91 25.70 -21.66
N ILE B 205 -15.90 25.16 -21.00
CA ILE B 205 -14.52 25.32 -21.46
C ILE B 205 -14.26 24.33 -22.60
N VAL B 206 -13.73 24.84 -23.71
CA VAL B 206 -13.63 24.05 -24.94
C VAL B 206 -12.21 24.09 -25.47
N LYS B 207 -11.82 23.01 -26.15
CA LYS B 207 -10.56 22.93 -26.89
C LYS B 207 -10.77 22.06 -28.12
N SER B 208 -9.98 22.33 -29.16
CA SER B 208 -10.17 21.63 -30.42
C SER B 208 -8.92 21.77 -31.29
N PHE B 209 -8.78 20.84 -32.23
CA PHE B 209 -7.75 20.93 -33.26
C PHE B 209 -8.34 20.46 -34.59
N ASN B 210 -7.67 20.86 -35.68
CA ASN B 210 -8.12 20.52 -37.03
C ASN B 210 -6.92 19.98 -37.81
N ARG B 211 -7.06 18.75 -38.32
CA ARG B 211 -5.98 18.12 -39.06
C ARG B 211 -5.61 18.92 -40.31
N ASN B 212 -6.61 19.37 -41.05
CA ASN B 212 -6.37 20.13 -42.27
C ASN B 212 -6.02 21.57 -41.96
N ALA C 1 25.51 -21.31 42.28
CA ALA C 1 25.92 -20.82 43.59
C ALA C 1 25.99 -19.30 43.61
N ALA C 2 27.18 -18.77 43.34
CA ALA C 2 27.42 -17.34 43.34
C ALA C 2 26.52 -16.56 42.38
N GLY C 3 26.86 -16.58 41.10
CA GLY C 3 26.01 -16.00 40.07
C GLY C 3 25.74 -17.07 39.05
N ALA C 4 25.71 -18.33 39.48
CA ALA C 4 25.57 -19.48 38.59
C ALA C 4 24.11 -19.84 38.35
N ALA C 5 23.37 -20.15 39.42
CA ALA C 5 21.94 -20.35 39.27
C ALA C 5 21.27 -19.12 38.70
N THR C 6 21.84 -17.94 38.96
CA THR C 6 21.37 -16.70 38.35
C THR C 6 21.35 -16.82 36.83
N VAL C 7 22.51 -17.14 36.25
CA VAL C 7 22.63 -17.16 34.79
C VAL C 7 21.66 -18.16 34.18
N LEU C 8 21.56 -19.36 34.77
CA LEU C 8 20.68 -20.38 34.22
C LEU C 8 19.25 -19.91 34.14
N LEU C 9 18.77 -19.20 35.16
CA LEU C 9 17.42 -18.64 35.13
C LEU C 9 17.22 -17.75 33.91
N VAL C 10 18.25 -16.99 33.54
CA VAL C 10 18.10 -16.06 32.42
C VAL C 10 18.11 -16.79 31.08
N ILE C 11 18.78 -17.94 31.01
CA ILE C 11 18.58 -18.82 29.86
C ILE C 11 17.12 -19.24 29.79
N VAL C 12 16.57 -19.68 30.92
CA VAL C 12 15.18 -20.13 30.97
C VAL C 12 14.25 -19.00 30.56
N LEU C 13 14.49 -17.80 31.08
CA LEU C 13 13.56 -16.70 30.86
C LEU C 13 13.58 -16.22 29.41
N LEU C 14 14.73 -16.32 28.73
CA LEU C 14 14.79 -15.96 27.32
C LEU C 14 14.26 -17.09 26.44
N ALA C 15 14.87 -18.27 26.54
CA ALA C 15 14.41 -19.41 25.76
C ALA C 15 12.92 -19.65 26.00
N GLY C 16 12.45 -19.39 27.21
CA GLY C 16 11.03 -19.51 27.50
C GLY C 16 10.22 -18.50 26.72
N SER C 17 10.55 -17.21 26.90
CA SER C 17 9.88 -16.14 26.17
C SER C 17 9.83 -16.42 24.67
N TYR C 18 10.98 -16.81 24.11
CA TYR C 18 11.05 -17.11 22.68
C TYR C 18 10.06 -18.21 22.29
N LEU C 19 10.18 -19.38 22.92
CA LEU C 19 9.36 -20.52 22.52
C LEU C 19 7.88 -20.29 22.81
N ALA C 20 7.56 -19.49 23.82
CA ALA C 20 6.16 -19.20 24.10
C ALA C 20 5.48 -18.53 22.92
N VAL C 21 6.15 -17.53 22.32
CA VAL C 21 5.60 -16.88 21.13
C VAL C 21 5.46 -17.88 19.99
N LEU C 22 6.42 -18.78 19.86
CA LEU C 22 6.34 -19.77 18.80
C LEU C 22 5.17 -20.72 19.03
N ALA C 23 4.91 -21.10 20.28
CA ALA C 23 3.86 -22.07 20.55
C ALA C 23 2.48 -21.45 20.40
N GLU C 24 2.31 -20.23 20.91
CA GLU C 24 0.97 -19.66 21.03
C GLU C 24 0.48 -19.02 19.73
N ARG C 25 1.39 -18.52 18.89
CA ARG C 25 0.97 -17.99 17.60
C ARG C 25 0.34 -19.09 16.76
N GLY C 26 -0.80 -18.78 16.15
CA GLY C 26 -1.59 -19.76 15.45
C GLY C 26 -2.82 -20.23 16.20
N ALA C 27 -2.84 -20.04 17.52
CA ALA C 27 -4.02 -20.37 18.32
C ALA C 27 -4.92 -19.15 18.42
N PRO C 28 -6.13 -19.18 17.86
CA PRO C 28 -6.98 -17.99 17.87
C PRO C 28 -7.34 -17.51 19.27
N GLY C 29 -6.65 -16.48 19.76
CA GLY C 29 -6.98 -15.91 21.05
C GLY C 29 -5.80 -15.53 21.94
N ALA C 30 -4.69 -16.25 21.83
CA ALA C 30 -3.56 -16.07 22.72
C ALA C 30 -3.07 -14.62 22.74
N GLN C 31 -2.86 -14.09 23.94
CA GLN C 31 -2.25 -12.78 24.11
C GLN C 31 -0.74 -12.85 24.26
N LEU C 32 -0.17 -14.05 24.19
CA LEU C 32 1.23 -14.28 24.53
C LEU C 32 2.06 -14.41 23.26
N ILE C 33 2.03 -13.36 22.44
CA ILE C 33 2.40 -13.46 21.03
C ILE C 33 3.40 -12.41 20.57
N THR C 34 3.91 -11.55 21.46
CA THR C 34 5.03 -10.67 21.12
C THR C 34 6.16 -10.93 22.10
N TYR C 35 7.40 -10.90 21.59
CA TYR C 35 8.56 -11.26 22.42
C TYR C 35 8.71 -10.40 23.67
N PRO C 36 8.39 -9.09 23.68
CA PRO C 36 8.40 -8.33 24.94
C PRO C 36 7.58 -8.98 26.04
N ARG C 37 6.25 -8.92 25.92
CA ARG C 37 5.40 -9.45 26.99
C ARG C 37 5.55 -10.95 27.17
N ALA C 38 6.03 -11.66 26.14
CA ALA C 38 6.40 -13.05 26.33
C ALA C 38 7.50 -13.18 27.36
N LEU C 39 8.42 -12.22 27.40
CA LEU C 39 9.48 -12.24 28.39
C LEU C 39 8.96 -11.90 29.78
N TRP C 40 8.15 -10.83 29.87
CA TRP C 40 7.56 -10.46 31.14
C TRP C 40 6.69 -11.59 31.69
N TRP C 41 6.02 -12.33 30.79
CA TRP C 41 5.21 -13.45 31.23
C TRP C 41 6.06 -14.53 31.92
N SER C 42 7.27 -14.77 31.41
CA SER C 42 8.13 -15.81 31.98
C SER C 42 8.74 -15.40 33.32
N VAL C 43 8.79 -14.10 33.62
CA VAL C 43 9.12 -13.67 34.98
C VAL C 43 7.93 -13.89 35.90
N GLU C 44 6.76 -13.43 35.51
CA GLU C 44 5.67 -13.67 36.46
C GLU C 44 5.76 -15.14 36.83
N THR C 45 6.07 -15.99 35.86
CA THR C 45 5.99 -17.43 36.07
C THR C 45 7.08 -17.94 37.00
N ALA C 46 8.35 -17.68 36.66
CA ALA C 46 9.47 -18.16 37.47
C ALA C 46 9.30 -17.71 38.91
N THR C 47 9.21 -16.42 39.06
CA THR C 47 8.73 -15.92 40.35
C THR C 47 7.28 -16.35 40.31
N THR C 48 6.66 -16.90 41.35
CA THR C 48 5.24 -17.39 41.21
C THR C 48 4.22 -16.27 41.39
N VAL C 49 4.45 -15.08 40.85
CA VAL C 49 3.59 -13.93 41.17
C VAL C 49 2.16 -14.10 40.71
N GLY C 50 1.92 -14.95 39.73
CA GLY C 50 0.54 -15.19 39.28
C GLY C 50 -0.27 -13.92 39.34
N TYR C 51 0.14 -12.91 38.59
CA TYR C 51 -0.57 -11.61 38.52
C TYR C 51 -1.78 -11.76 37.62
N GLY C 52 -1.78 -12.76 36.76
CA GLY C 52 -2.94 -12.95 35.88
C GLY C 52 -2.84 -12.06 34.67
N ASP C 53 -1.65 -11.60 34.36
CA ASP C 53 -1.46 -10.73 33.18
C ASP C 53 -1.70 -11.55 31.92
N LEU C 54 -0.78 -12.47 31.61
CA LEU C 54 -0.82 -13.34 30.40
C LEU C 54 -0.70 -14.80 30.82
N TYR C 55 -1.03 -15.72 29.92
CA TYR C 55 -0.84 -17.14 30.16
C TYR C 55 -1.06 -17.87 28.84
N PRO C 56 -0.59 -19.10 28.72
CA PRO C 56 -0.73 -19.83 27.46
C PRO C 56 -2.10 -20.48 27.33
N VAL C 57 -2.46 -20.76 26.08
CA VAL C 57 -3.69 -21.50 25.77
C VAL C 57 -3.45 -22.74 24.91
N THR C 58 -2.38 -22.79 24.11
CA THR C 58 -2.04 -24.03 23.41
C THR C 58 -1.49 -25.05 24.40
N LEU C 59 -1.50 -26.32 23.98
CA LEU C 59 -0.84 -27.33 24.78
C LEU C 59 0.65 -27.05 24.91
N TRP C 60 1.31 -26.79 23.78
CA TRP C 60 2.75 -26.62 23.80
C TRP C 60 3.16 -25.38 24.57
N GLY C 61 2.33 -24.33 24.56
CA GLY C 61 2.59 -23.19 25.41
C GLY C 61 2.56 -23.54 26.88
N ARG C 62 1.60 -24.36 27.29
CA ARG C 62 1.56 -24.81 28.68
C ARG C 62 2.80 -25.63 29.04
N LEU C 63 3.31 -26.41 28.07
CA LEU C 63 4.52 -27.19 28.33
C LEU C 63 5.72 -26.29 28.57
N VAL C 64 5.95 -25.36 27.65
CA VAL C 64 6.95 -24.30 27.83
C VAL C 64 6.75 -23.66 29.19
N ALA C 65 5.49 -23.35 29.54
CA ALA C 65 5.21 -22.70 30.80
C ALA C 65 5.67 -23.54 31.99
N VAL C 66 5.39 -24.85 31.95
CA VAL C 66 5.82 -25.73 33.03
C VAL C 66 7.33 -25.69 33.17
N VAL C 67 8.04 -25.82 32.06
CA VAL C 67 9.51 -25.80 32.09
C VAL C 67 10.01 -24.53 32.77
N VAL C 68 9.35 -23.40 32.51
CA VAL C 68 9.75 -22.15 33.15
C VAL C 68 9.58 -22.23 34.66
N MET C 69 8.39 -22.66 35.12
CA MET C 69 8.16 -22.85 36.55
C MET C 69 9.25 -23.71 37.17
N VAL C 70 9.40 -24.94 36.66
CA VAL C 70 10.41 -25.86 37.20
C VAL C 70 11.78 -25.22 37.19
N ALA C 71 12.26 -24.85 35.99
CA ALA C 71 13.62 -24.31 35.88
C ALA C 71 13.73 -22.93 36.50
N GLY C 72 12.62 -22.19 36.60
CA GLY C 72 12.64 -20.89 37.24
C GLY C 72 12.56 -21.00 38.74
N ILE C 73 11.53 -21.68 39.25
CA ILE C 73 11.35 -21.83 40.70
C ILE C 73 12.60 -22.43 41.32
N THR C 74 13.24 -23.35 40.60
CA THR C 74 14.48 -23.95 41.10
C THR C 74 15.59 -22.90 41.18
N SER C 75 15.86 -22.24 40.05
CA SER C 75 16.77 -21.11 40.04
C SER C 75 16.40 -20.15 41.15
N PHE C 76 15.14 -19.73 41.18
CA PHE C 76 14.71 -18.73 42.14
C PHE C 76 14.60 -19.28 43.55
N GLY C 77 14.47 -20.60 43.70
CA GLY C 77 14.72 -21.22 45.00
C GLY C 77 16.17 -21.24 45.39
N LEU C 78 17.06 -20.65 44.58
CA LEU C 78 18.50 -20.59 44.76
C LEU C 78 19.05 -19.16 44.59
N VAL C 79 18.60 -18.44 43.56
CA VAL C 79 18.95 -17.01 43.45
C VAL C 79 18.54 -16.28 44.72
N THR C 80 17.38 -16.58 45.28
CA THR C 80 17.10 -15.79 46.51
C THR C 80 17.98 -16.34 47.62
N ALA C 81 18.43 -17.58 47.47
CA ALA C 81 19.31 -18.14 48.51
C ALA C 81 20.55 -17.22 48.56
N ALA C 82 21.15 -17.02 47.38
CA ALA C 82 22.36 -16.20 47.23
C ALA C 82 22.15 -14.84 47.89
N LEU C 83 21.21 -14.07 47.37
CA LEU C 83 20.91 -12.72 47.88
C LEU C 83 20.78 -12.78 49.39
N ALA C 84 19.92 -13.65 49.92
CA ALA C 84 19.70 -13.78 51.38
C ALA C 84 21.04 -13.87 52.11
N THR C 85 21.80 -14.94 51.84
CA THR C 85 23.10 -15.15 52.53
C THR C 85 23.98 -13.89 52.42
N TRP C 86 24.27 -13.51 51.17
CA TRP C 86 25.13 -12.36 50.81
C TRP C 86 24.74 -11.14 51.66
N PHE C 87 23.49 -10.72 51.52
CA PHE C 87 23.13 -9.43 52.14
C PHE C 87 22.87 -9.56 53.64
N VAL C 88 22.48 -10.73 54.12
CA VAL C 88 22.32 -10.78 55.59
C VAL C 88 23.73 -10.66 56.18
N GLY C 89 24.71 -11.34 55.60
CA GLY C 89 26.09 -11.19 56.11
C GLY C 89 26.54 -9.75 56.05
N ARG C 90 26.39 -9.13 54.89
CA ARG C 90 26.89 -7.74 54.73
C ARG C 90 26.20 -6.81 55.73
N GLU C 91 24.87 -6.85 55.77
CA GLU C 91 24.14 -5.88 56.60
C GLU C 91 24.40 -6.17 58.08
N GLN C 92 24.56 -7.43 58.45
CA GLN C 92 24.80 -7.75 59.87
C GLN C 92 26.17 -7.20 60.29
N GLU C 93 27.22 -7.37 59.47
CA GLU C 93 28.52 -6.80 59.92
C GLU C 93 28.49 -5.27 59.74
BA BA D . 2.37 -17.60 44.28
K K E . -2.98 -14.89 40.56
#